data_8BYN
#
_entry.id   8BYN
#
loop_
_entity.id
_entity.type
_entity.pdbx_description
1 polymer 'Microtubule-associated protein tau'
2 non-polymer 7-(6-fluoranylpyridin-3-yl)-5~{H}-pyrido[4,3-b]indole
#
_entity_poly.entity_id   1
_entity_poly.type   'polypeptide(L)'
_entity_poly.pdbx_seq_one_letter_code
;MAEPRQEFEVMEDHAGTYGLGDRKDQGGYTMHQDQEGDTDAGLKESPLQTPTEDGSEEPGSETSDAKSTPTAEDVTAPLV
DEGAPGKQAAAQPHTEIPEGTTAEEAGIGDTPSLEDEAAGHVTQARMVSKSKDGTGSDDKKAKGADGKTKIATPRGAAPP
GQKGQANATRIPAKTPPAPKTPPSSGEPPKSGDRSGYSSPGSPGTPGSRSRTPSLPTPPTREPKKVAVVRTPPKSPSSAK
SRLQTAPVPMPDLKNVKSKIGSTENLKHQPGGGKVQIINKKLDLSNVQSKCGSKDNIKHVPGGGSVQIVYKPVDLSKVTS
KCGSLGNIHHKPGGGQVEVKSEKLDFKDRVQSKIGSLDNITHVPGGGNKKIETHKLTFRENAKAKTDHGAEIVYKSPVVS
GDTSPRHLSNVSSTGSIDMVDSPQLATLADEVSASLAKQGL
;
_entity_poly.pdbx_strand_id   A,B,C,D,E,F
#
# COMPACT_ATOMS: atom_id res chain seq x y z
N SER A 305 39.30 -51.15 -11.17
CA SER A 305 39.11 -50.20 -10.07
C SER A 305 38.45 -48.92 -10.56
N VAL A 306 37.47 -48.45 -9.79
CA VAL A 306 36.72 -47.24 -10.13
C VAL A 306 36.48 -46.46 -8.84
N GLN A 307 36.90 -45.20 -8.81
CA GLN A 307 36.68 -44.32 -7.68
C GLN A 307 35.90 -43.10 -8.14
N ILE A 308 34.79 -42.81 -7.47
CA ILE A 308 33.95 -41.66 -7.79
C ILE A 308 33.63 -40.93 -6.49
N VAL A 309 33.96 -39.65 -6.45
CA VAL A 309 33.67 -38.80 -5.30
C VAL A 309 32.71 -37.71 -5.76
N TYR A 310 31.56 -37.62 -5.10
CA TYR A 310 30.51 -36.66 -5.43
C TYR A 310 30.36 -35.73 -4.23
N LYS A 311 31.06 -34.61 -4.26
CA LYS A 311 31.03 -33.71 -3.09
C LYS A 311 30.67 -32.30 -3.54
N PRO A 312 29.47 -32.03 -4.09
CA PRO A 312 29.07 -30.65 -4.38
C PRO A 312 28.80 -29.89 -3.10
N VAL A 313 29.27 -28.65 -3.06
CA VAL A 313 29.11 -27.76 -1.91
C VAL A 313 28.19 -26.61 -2.32
N ASP A 314 27.13 -26.40 -1.56
CA ASP A 314 26.17 -25.33 -1.83
C ASP A 314 26.20 -24.38 -0.63
N LEU A 315 26.72 -23.19 -0.86
CA LEU A 315 26.70 -22.08 0.10
C LEU A 315 25.96 -20.89 -0.48
N SER A 316 24.98 -21.15 -1.33
CA SER A 316 24.31 -20.11 -2.09
C SER A 316 23.22 -19.44 -1.25
N LYS A 317 22.62 -18.40 -1.83
CA LYS A 317 21.70 -17.54 -1.10
C LYS A 317 20.65 -17.00 -2.06
N VAL A 318 19.38 -17.16 -1.70
CA VAL A 318 18.26 -16.55 -2.42
C VAL A 318 17.48 -15.77 -1.38
N THR A 319 17.65 -14.45 -1.35
CA THR A 319 17.01 -13.61 -0.34
C THR A 319 16.30 -12.44 -1.01
N SER A 320 15.32 -11.89 -0.30
CA SER A 320 14.65 -10.68 -0.74
C SER A 320 14.26 -9.85 0.47
N LYS A 321 14.31 -8.53 0.30
CA LYS A 321 13.87 -7.58 1.31
C LYS A 321 12.85 -6.65 0.68
N CYS A 322 11.70 -6.50 1.33
CA CYS A 322 10.66 -5.61 0.86
C CYS A 322 10.22 -4.74 2.04
N GLY A 323 10.34 -3.42 1.89
CA GLY A 323 10.02 -2.53 2.99
C GLY A 323 8.56 -2.53 3.38
N SER A 324 7.67 -2.52 2.38
CA SER A 324 6.25 -2.69 2.59
C SER A 324 5.69 -3.26 1.32
N LEU A 325 4.60 -4.01 1.44
CA LEU A 325 3.99 -4.62 0.27
C LEU A 325 2.48 -4.66 0.49
N GLY A 326 1.72 -3.99 -0.35
CA GLY A 326 0.29 -4.10 -0.22
C GLY A 326 -0.46 -3.10 -1.06
N ASN A 327 -1.73 -2.89 -0.69
CA ASN A 327 -2.66 -2.10 -1.49
C ASN A 327 -2.83 -2.71 -2.89
N ILE A 328 -3.18 -3.98 -2.88
CA ILE A 328 -3.39 -4.77 -4.10
C ILE A 328 -4.89 -4.95 -4.29
N HIS A 329 -5.38 -4.63 -5.48
CA HIS A 329 -6.81 -4.71 -5.78
C HIS A 329 -7.01 -5.51 -7.06
N HIS A 330 -7.72 -6.62 -6.96
CA HIS A 330 -8.04 -7.50 -8.09
C HIS A 330 -9.54 -7.65 -8.16
N LYS A 331 -10.16 -7.07 -9.20
CA LYS A 331 -11.61 -7.15 -9.41
C LYS A 331 -11.91 -7.68 -10.80
N PRO A 332 -11.92 -9.00 -10.96
CA PRO A 332 -12.37 -9.59 -12.23
C PRO A 332 -13.88 -9.75 -12.29
N GLY A 333 -14.41 -9.61 -13.49
CA GLY A 333 -15.81 -9.85 -13.73
C GLY A 333 -16.79 -8.89 -13.09
N GLY A 334 -16.49 -7.58 -13.14
CA GLY A 334 -17.44 -6.59 -12.69
C GLY A 334 -18.51 -6.27 -13.70
N GLY A 335 -18.30 -6.64 -14.96
CA GLY A 335 -19.30 -6.40 -15.97
C GLY A 335 -20.44 -7.40 -15.92
N GLN A 336 -21.58 -6.96 -16.43
CA GLN A 336 -22.75 -7.81 -16.53
C GLN A 336 -22.53 -8.90 -17.58
N VAL A 337 -22.99 -10.10 -17.29
CA VAL A 337 -22.91 -11.23 -18.20
C VAL A 337 -24.31 -11.74 -18.47
N GLU A 338 -24.68 -11.82 -19.74
CA GLU A 338 -25.97 -12.39 -20.14
C GLU A 338 -25.71 -13.44 -21.21
N VAL A 339 -26.22 -14.65 -20.99
CA VAL A 339 -26.11 -15.74 -21.94
C VAL A 339 -27.51 -16.24 -22.22
N LYS A 340 -27.97 -16.06 -23.46
CA LYS A 340 -29.31 -16.42 -23.86
C LYS A 340 -29.23 -17.44 -24.99
N SER A 341 -29.79 -18.62 -24.75
CA SER A 341 -29.67 -19.72 -25.69
C SER A 341 -31.07 -20.23 -26.04
N GLU A 342 -31.20 -20.78 -27.25
CA GLU A 342 -32.50 -21.23 -27.72
C GLU A 342 -32.29 -22.20 -28.87
N LYS A 343 -32.85 -23.40 -28.74
CA LYS A 343 -32.85 -24.40 -29.80
C LYS A 343 -31.43 -24.85 -30.16
N LEU A 344 -30.67 -25.24 -29.14
CA LEU A 344 -29.36 -25.81 -29.33
C LEU A 344 -29.44 -27.31 -29.10
N ASP A 345 -28.85 -28.09 -30.01
CA ASP A 345 -28.77 -29.53 -29.88
C ASP A 345 -27.31 -29.92 -29.67
N PHE A 346 -27.04 -30.57 -28.56
CA PHE A 346 -25.71 -31.09 -28.24
C PHE A 346 -25.76 -32.61 -28.29
N LYS A 347 -24.91 -33.21 -29.11
CA LYS A 347 -24.87 -34.66 -29.25
C LYS A 347 -23.67 -35.29 -28.55
N ASP A 348 -22.94 -34.54 -27.74
CA ASP A 348 -21.77 -35.08 -27.06
C ASP A 348 -21.55 -34.30 -25.78
N ARG A 349 -20.46 -34.58 -25.09
CA ARG A 349 -20.20 -34.00 -23.78
C ARG A 349 -20.03 -32.47 -23.86
N VAL A 350 -20.57 -31.78 -22.87
CA VAL A 350 -20.57 -30.33 -22.83
C VAL A 350 -19.99 -29.88 -21.49
N GLN A 351 -19.02 -28.97 -21.55
CA GLN A 351 -18.48 -28.29 -20.37
C GLN A 351 -18.72 -26.81 -20.54
N SER A 352 -19.36 -26.20 -19.55
CA SER A 352 -19.74 -24.79 -19.62
C SER A 352 -19.37 -24.10 -18.32
N LYS A 353 -18.74 -22.93 -18.44
CA LYS A 353 -18.42 -22.09 -17.28
C LYS A 353 -18.86 -20.68 -17.58
N ILE A 354 -19.70 -20.12 -16.72
CA ILE A 354 -20.22 -18.77 -16.90
C ILE A 354 -20.06 -18.01 -15.58
N GLY A 355 -19.44 -16.83 -15.64
CA GLY A 355 -19.24 -15.99 -14.48
C GLY A 355 -17.78 -15.70 -14.25
N SER A 356 -17.42 -15.55 -12.98
CA SER A 356 -16.05 -15.26 -12.57
C SER A 356 -15.49 -16.50 -11.90
N LEU A 357 -14.60 -17.20 -12.60
CA LEU A 357 -14.08 -18.48 -12.12
C LEU A 357 -12.57 -18.47 -12.17
N ASP A 358 -11.96 -19.02 -11.12
CA ASP A 358 -10.55 -19.40 -11.12
C ASP A 358 -9.62 -18.21 -11.15
N ASN A 359 -10.09 -17.03 -10.73
CA ASN A 359 -9.23 -15.88 -10.63
C ASN A 359 -8.40 -15.97 -9.35
N ILE A 360 -7.16 -15.51 -9.44
CA ILE A 360 -6.19 -15.72 -8.38
C ILE A 360 -5.55 -14.39 -8.03
N THR A 361 -5.53 -14.09 -6.73
CA THR A 361 -4.65 -13.08 -6.16
C THR A 361 -3.64 -13.82 -5.28
N HIS A 362 -2.37 -13.76 -5.67
CA HIS A 362 -1.32 -14.48 -4.95
C HIS A 362 -0.25 -13.47 -4.56
N VAL A 363 -0.11 -13.24 -3.27
CA VAL A 363 0.76 -12.19 -2.76
C VAL A 363 1.68 -12.76 -1.70
N PRO A 364 2.75 -13.45 -2.07
CA PRO A 364 3.69 -13.98 -1.07
C PRO A 364 4.66 -12.91 -0.60
N GLY A 365 4.99 -12.95 0.69
CA GLY A 365 5.95 -12.02 1.24
C GLY A 365 7.33 -12.17 0.62
N GLY A 366 7.82 -13.41 0.54
CA GLY A 366 9.02 -13.64 -0.25
C GLY A 366 8.79 -14.19 -1.64
N GLY A 367 8.15 -15.35 -1.73
CA GLY A 367 7.97 -16.03 -3.00
C GLY A 367 9.25 -16.45 -3.69
N ASN A 368 10.31 -16.71 -2.93
CA ASN A 368 11.59 -17.11 -3.51
C ASN A 368 11.66 -18.62 -3.63
N LYS A 369 12.25 -19.10 -4.72
CA LYS A 369 12.25 -20.51 -5.04
C LYS A 369 13.65 -21.00 -5.34
N LYS A 370 14.02 -22.14 -4.78
CA LYS A 370 15.27 -22.81 -5.10
C LYS A 370 14.96 -24.25 -5.47
N ILE A 371 15.36 -24.66 -6.67
CA ILE A 371 15.20 -26.03 -7.14
C ILE A 371 16.59 -26.55 -7.53
N GLU A 372 16.97 -27.69 -6.97
CA GLU A 372 18.26 -28.26 -7.28
C GLU A 372 18.16 -29.78 -7.31
N THR A 373 18.69 -30.39 -8.36
CA THR A 373 18.64 -31.83 -8.56
C THR A 373 20.06 -32.37 -8.60
N HIS A 374 20.27 -33.50 -7.93
CA HIS A 374 21.54 -34.19 -7.94
C HIS A 374 21.31 -35.61 -8.42
N LYS A 375 22.10 -36.05 -9.38
CA LYS A 375 21.93 -37.36 -9.99
C LYS A 375 23.30 -37.96 -10.27
N LEU A 376 23.59 -39.10 -9.65
CA LEU A 376 24.78 -39.89 -9.94
C LEU A 376 24.32 -41.24 -10.47
N THR A 377 24.63 -41.52 -11.73
CA THR A 377 24.24 -42.76 -12.38
C THR A 377 25.48 -43.56 -12.70
N PHE A 378 25.48 -44.83 -12.34
CA PHE A 378 26.62 -45.72 -12.54
C PHE A 378 26.14 -46.96 -13.28
N ARG A 379 26.87 -47.36 -14.31
CA ARG A 379 26.53 -48.56 -15.06
C ARG A 379 27.71 -49.51 -15.13
N SER B 305 -38.72 51.84 9.17
CA SER B 305 -38.91 50.43 8.88
C SER B 305 -37.67 49.84 8.21
N VAL B 306 -37.25 48.66 8.65
CA VAL B 306 -36.08 47.97 8.12
C VAL B 306 -36.41 46.49 8.03
N GLN B 307 -36.25 45.91 6.85
CA GLN B 307 -36.46 44.49 6.63
C GLN B 307 -35.18 43.88 6.07
N ILE B 308 -34.69 42.84 6.72
CA ILE B 308 -33.49 42.13 6.29
C ILE B 308 -33.79 40.64 6.29
N VAL B 309 -33.56 40.00 5.15
CA VAL B 309 -33.73 38.56 5.00
C VAL B 309 -32.38 37.96 4.65
N TYR B 310 -31.94 37.00 5.46
CA TYR B 310 -30.64 36.35 5.31
C TYR B 310 -30.92 34.88 5.02
N LYS B 311 -30.98 34.53 3.75
CA LYS B 311 -31.34 33.14 3.41
C LYS B 311 -30.29 32.55 2.46
N PRO B 312 -29.02 32.40 2.84
CA PRO B 312 -28.04 31.72 1.98
C PRO B 312 -28.34 30.23 1.93
N VAL B 313 -28.25 29.66 0.73
CA VAL B 313 -28.50 28.25 0.48
C VAL B 313 -27.19 27.61 0.08
N ASP B 314 -26.81 26.53 0.77
CA ASP B 314 -25.58 25.80 0.49
C ASP B 314 -25.97 24.39 0.08
N LEU B 315 -25.77 24.06 -1.19
CA LEU B 315 -25.93 22.74 -1.76
C LEU B 315 -24.61 22.24 -2.33
N SER B 316 -23.50 22.69 -1.76
CA SER B 316 -22.19 22.43 -2.32
C SER B 316 -21.67 21.05 -1.93
N LYS B 317 -20.52 20.70 -2.48
CA LYS B 317 -19.99 19.34 -2.37
C LYS B 317 -18.47 19.39 -2.39
N VAL B 318 -17.85 18.76 -1.40
CA VAL B 318 -16.41 18.57 -1.35
C VAL B 318 -16.18 17.07 -1.18
N THR B 319 -15.84 16.38 -2.25
CA THR B 319 -15.69 14.93 -2.23
C THR B 319 -14.35 14.53 -2.83
N SER B 320 -13.89 13.35 -2.46
CA SER B 320 -12.70 12.77 -3.05
C SER B 320 -12.85 11.25 -3.13
N LYS B 321 -12.30 10.66 -4.17
CA LYS B 321 -12.25 9.22 -4.35
C LYS B 321 -10.80 8.81 -4.59
N CYS B 322 -10.34 7.83 -3.82
CA CYS B 322 -8.98 7.31 -3.97
C CYS B 322 -9.06 5.80 -4.03
N GLY B 323 -8.57 5.22 -5.13
CA GLY B 323 -8.69 3.78 -5.31
C GLY B 323 -7.88 2.98 -4.30
N SER B 324 -6.66 3.40 -4.04
CA SER B 324 -5.84 2.84 -2.98
C SER B 324 -4.88 3.93 -2.54
N LEU B 325 -4.47 3.87 -1.29
CA LEU B 325 -3.54 4.86 -0.77
C LEU B 325 -2.64 4.18 0.25
N GLY B 326 -1.34 4.18 -0.01
CA GLY B 326 -0.44 3.64 1.00
C GLY B 326 0.96 3.45 0.48
N ASN B 327 1.71 2.62 1.20
CA ASN B 327 3.14 2.44 0.97
C ASN B 327 3.88 3.77 1.16
N ILE B 328 3.66 4.36 2.33
CA ILE B 328 4.26 5.63 2.71
C ILE B 328 5.36 5.34 3.72
N HIS B 329 6.54 5.89 3.48
CA HIS B 329 7.71 5.66 4.33
C HIS B 329 8.33 6.99 4.70
N HIS B 330 8.36 7.29 6.00
CA HIS B 330 8.94 8.51 6.53
C HIS B 330 10.00 8.13 7.56
N LYS B 331 11.27 8.35 7.24
CA LYS B 331 12.40 8.05 8.12
C LYS B 331 13.25 9.29 8.34
N PRO B 332 12.87 10.15 9.28
CA PRO B 332 13.74 11.26 9.67
C PRO B 332 14.78 10.87 10.69
N GLY B 333 15.94 11.52 10.60
CA GLY B 333 16.98 11.33 11.58
C GLY B 333 17.63 9.97 11.62
N GLY B 334 17.93 9.38 10.46
CA GLY B 334 18.70 8.15 10.42
C GLY B 334 20.18 8.36 10.57
N GLY B 335 20.67 9.59 10.39
CA GLY B 335 22.07 9.86 10.55
C GLY B 335 22.48 9.98 12.01
N GLN B 336 23.75 9.70 12.25
CA GLN B 336 24.34 9.86 13.58
C GLN B 336 24.40 11.33 13.97
N VAL B 337 24.11 11.61 15.23
CA VAL B 337 24.19 12.96 15.77
C VAL B 337 25.15 12.94 16.94
N GLU B 338 26.15 13.82 16.91
CA GLU B 338 27.09 13.99 18.00
C GLU B 338 27.18 15.46 18.35
N VAL B 339 26.95 15.78 19.61
CA VAL B 339 27.05 17.15 20.10
C VAL B 339 28.03 17.15 21.26
N LYS B 340 29.16 17.82 21.09
CA LYS B 340 30.23 17.85 22.07
C LYS B 340 30.47 19.29 22.47
N SER B 341 30.28 19.58 23.76
CA SER B 341 30.37 20.94 24.28
C SER B 341 31.38 20.99 25.40
N GLU B 342 32.00 22.15 25.58
CA GLU B 342 33.03 22.31 26.59
C GLU B 342 33.23 23.78 26.87
N LYS B 343 33.11 24.16 28.15
CA LYS B 343 33.37 25.52 28.61
C LYS B 343 32.42 26.53 27.98
N LEU B 344 31.13 26.25 28.08
CA LEU B 344 30.10 27.18 27.64
C LEU B 344 29.47 27.81 28.86
N ASP B 345 29.32 29.13 28.84
CA ASP B 345 28.65 29.87 29.90
C ASP B 345 27.35 30.45 29.35
N PHE B 346 26.24 30.07 29.97
CA PHE B 346 24.92 30.58 29.62
C PHE B 346 24.42 31.45 30.77
N LYS B 347 24.11 32.71 30.48
CA LYS B 347 23.63 33.62 31.50
C LYS B 347 22.13 33.88 31.41
N ASP B 348 21.39 33.10 30.63
CA ASP B 348 19.96 33.32 30.49
C ASP B 348 19.32 31.98 30.11
N ARG B 349 18.02 32.01 29.83
CA ARG B 349 17.26 30.79 29.59
C ARG B 349 17.76 30.07 28.33
N VAL B 350 17.78 28.75 28.40
CA VAL B 350 18.30 27.90 27.34
C VAL B 350 17.24 26.86 26.99
N GLN B 351 16.93 26.73 25.70
CA GLN B 351 16.08 25.66 25.18
C GLN B 351 16.91 24.87 24.18
N SER B 352 16.99 23.56 24.38
CA SER B 352 17.81 22.70 23.55
C SER B 352 17.03 21.46 23.16
N LYS B 353 17.08 21.11 21.87
CA LYS B 353 16.46 19.90 21.36
C LYS B 353 17.48 19.18 20.49
N ILE B 354 17.76 17.93 20.81
CA ILE B 354 18.73 17.12 20.08
C ILE B 354 18.09 15.78 19.77
N GLY B 355 18.13 15.38 18.50
CA GLY B 355 17.60 14.11 18.06
C GLY B 355 16.54 14.29 16.99
N SER B 356 15.56 13.38 17.00
CA SER B 356 14.46 13.39 16.06
C SER B 356 13.19 13.77 16.81
N LEU B 357 12.73 14.99 16.60
CA LEU B 357 11.61 15.54 17.36
C LEU B 357 10.57 16.10 16.42
N ASP B 358 9.30 15.83 16.73
CA ASP B 358 8.17 16.54 16.14
C ASP B 358 7.97 16.22 14.68
N ASN B 359 8.49 15.09 14.21
CA ASN B 359 8.23 14.68 12.84
C ASN B 359 6.85 14.06 12.74
N ILE B 360 6.19 14.31 11.62
CA ILE B 360 4.78 13.97 11.46
C ILE B 360 4.61 13.19 10.18
N THR B 361 3.92 12.05 10.27
CA THR B 361 3.33 11.37 9.13
C THR B 361 1.82 11.47 9.29
N HIS B 362 1.17 12.17 8.37
CA HIS B 362 -0.26 12.42 8.45
C HIS B 362 -0.89 11.93 7.14
N VAL B 363 -1.68 10.88 7.23
CA VAL B 363 -2.22 10.23 6.05
C VAL B 363 -3.73 10.07 6.18
N PRO B 364 -4.52 11.12 5.94
CA PRO B 364 -5.97 10.98 6.03
C PRO B 364 -6.55 10.38 4.76
N GLY B 365 -7.58 9.54 4.93
CA GLY B 365 -8.24 8.96 3.79
C GLY B 365 -8.90 9.99 2.89
N GLY B 366 -9.65 10.91 3.49
CA GLY B 366 -10.11 12.06 2.73
C GLY B 366 -9.31 13.33 2.90
N GLY B 367 -9.24 13.81 4.14
CA GLY B 367 -8.58 15.09 4.42
C GLY B 367 -9.23 16.29 3.76
N ASN B 368 -10.53 16.25 3.50
CA ASN B 368 -11.23 17.35 2.86
C ASN B 368 -11.77 18.30 3.92
N LYS B 369 -11.71 19.60 3.62
CA LYS B 369 -12.03 20.63 4.60
C LYS B 369 -13.02 21.62 4.01
N LYS B 370 -14.03 21.97 4.79
CA LYS B 370 -14.98 23.01 4.44
C LYS B 370 -15.07 23.99 5.60
N ILE B 371 -14.77 25.26 5.34
CA ILE B 371 -14.88 26.33 6.33
C ILE B 371 -15.81 27.39 5.77
N GLU B 372 -16.83 27.74 6.54
CA GLU B 372 -17.79 28.74 6.08
C GLU B 372 -18.24 29.58 7.27
N THR B 373 -18.20 30.90 7.11
CA THR B 373 -18.58 31.82 8.16
C THR B 373 -19.76 32.67 7.68
N HIS B 374 -20.72 32.87 8.57
CA HIS B 374 -21.88 33.71 8.30
C HIS B 374 -21.94 34.78 9.38
N LYS B 375 -22.09 36.03 8.97
CA LYS B 375 -22.08 37.15 9.89
C LYS B 375 -23.10 38.17 9.42
N LEU B 376 -24.10 38.45 10.25
CA LEU B 376 -25.05 39.52 10.04
C LEU B 376 -24.91 40.51 11.18
N THR B 377 -24.46 41.73 10.87
CA THR B 377 -24.25 42.77 11.85
C THR B 377 -25.23 43.91 11.60
N PHE B 378 -25.92 44.33 12.65
CA PHE B 378 -26.93 45.38 12.56
C PHE B 378 -26.60 46.45 13.59
N ARG B 379 -26.64 47.71 13.15
CA ARG B 379 -26.39 48.83 14.06
C ARG B 379 -27.54 49.83 14.03
N SER C 305 42.02 -48.35 -14.17
CA SER C 305 41.81 -47.41 -13.09
C SER C 305 41.12 -46.14 -13.59
N VAL C 306 40.13 -45.68 -12.84
CA VAL C 306 39.37 -44.48 -13.19
C VAL C 306 39.11 -43.69 -11.91
N GLN C 307 39.50 -42.43 -11.89
CA GLN C 307 39.26 -41.54 -10.76
C GLN C 307 38.46 -40.34 -11.25
N ILE C 308 37.35 -40.07 -10.59
CA ILE C 308 36.49 -38.93 -10.91
C ILE C 308 36.16 -38.21 -9.63
N VAL C 309 36.45 -36.91 -9.58
CA VAL C 309 36.14 -36.05 -8.45
C VAL C 309 35.17 -34.99 -8.93
N TYR C 310 34.02 -34.90 -8.28
CA TYR C 310 32.95 -33.97 -8.63
C TYR C 310 32.77 -33.03 -7.43
N LYS C 311 33.45 -31.90 -7.48
CA LYS C 311 33.39 -31.00 -6.30
C LYS C 311 33.03 -29.59 -6.76
N PRO C 312 31.83 -29.34 -7.34
CA PRO C 312 31.41 -27.97 -7.65
C PRO C 312 31.11 -27.21 -6.37
N VAL C 313 31.56 -25.96 -6.33
CA VAL C 313 31.37 -25.08 -5.19
C VAL C 313 30.45 -23.94 -5.62
N ASP C 314 29.37 -23.73 -4.87
CA ASP C 314 28.40 -22.68 -5.16
C ASP C 314 28.41 -21.72 -3.97
N LEU C 315 28.90 -20.51 -4.20
CA LEU C 315 28.87 -19.41 -3.25
C LEU C 315 28.10 -18.23 -3.84
N SER C 316 27.13 -18.52 -4.70
CA SER C 316 26.46 -17.49 -5.47
C SER C 316 25.35 -16.83 -4.65
N LYS C 317 24.74 -15.82 -5.24
CA LYS C 317 23.80 -14.96 -4.53
C LYS C 317 22.75 -14.44 -5.50
N VAL C 318 21.48 -14.62 -5.15
CA VAL C 318 20.36 -14.03 -5.89
C VAL C 318 19.55 -13.26 -4.86
N THR C 319 19.70 -11.94 -4.83
CA THR C 319 19.04 -11.10 -3.85
C THR C 319 18.33 -9.95 -4.53
N SER C 320 17.34 -9.41 -3.83
CA SER C 320 16.63 -8.22 -4.29
C SER C 320 16.23 -7.38 -3.09
N LYS C 321 16.25 -6.06 -3.27
CA LYS C 321 15.79 -5.10 -2.27
C LYS C 321 14.76 -4.19 -2.91
N CYS C 322 13.61 -4.06 -2.27
CA CYS C 322 12.55 -3.19 -2.75
C CYS C 322 12.09 -2.32 -1.60
N GLY C 323 12.19 -1.00 -1.76
CA GLY C 323 11.85 -0.10 -0.66
C GLY C 323 10.38 -0.13 -0.29
N SER C 324 9.51 -0.13 -1.29
CA SER C 324 8.09 -0.32 -1.10
C SER C 324 7.54 -0.92 -2.38
N LEU C 325 6.47 -1.68 -2.26
CA LEU C 325 5.87 -2.31 -3.43
C LEU C 325 4.37 -2.37 -3.21
N GLY C 326 3.60 -1.72 -4.07
CA GLY C 326 2.17 -1.86 -3.95
C GLY C 326 1.41 -0.87 -4.80
N ASN C 327 0.14 -0.68 -4.46
CA ASN C 327 -0.79 0.10 -5.26
C ASN C 327 -0.94 -0.53 -6.65
N ILE C 328 -1.28 -1.81 -6.65
CA ILE C 328 -1.46 -2.60 -7.86
C ILE C 328 -2.96 -2.82 -8.06
N HIS C 329 -3.44 -2.51 -9.26
CA HIS C 329 -4.86 -2.61 -9.57
C HIS C 329 -5.03 -3.43 -10.84
N HIS C 330 -5.73 -4.56 -10.74
CA HIS C 330 -6.02 -5.43 -11.87
C HIS C 330 -7.53 -5.62 -11.95
N LYS C 331 -8.14 -5.05 -13.00
CA LYS C 331 -9.59 -5.15 -13.22
C LYS C 331 -9.87 -5.70 -14.61
N PRO C 332 -9.86 -7.02 -14.77
CA PRO C 332 -10.29 -7.63 -16.03
C PRO C 332 -11.80 -7.82 -16.10
N GLY C 333 -12.31 -7.70 -17.32
CA GLY C 333 -13.72 -7.96 -17.57
C GLY C 333 -14.70 -7.00 -16.94
N GLY C 334 -14.42 -5.70 -17.00
CA GLY C 334 -15.39 -4.72 -16.56
C GLY C 334 -16.46 -4.42 -17.58
N GLY C 335 -16.24 -4.80 -18.84
CA GLY C 335 -17.23 -4.58 -19.87
C GLY C 335 -18.35 -5.60 -19.82
N GLN C 336 -19.50 -5.18 -20.33
CA GLN C 336 -20.66 -6.06 -20.45
C GLN C 336 -20.40 -7.14 -21.49
N VAL C 337 -20.85 -8.35 -21.18
CA VAL C 337 -20.74 -9.49 -22.10
C VAL C 337 -22.14 -10.02 -22.36
N GLU C 338 -22.49 -10.12 -23.63
CA GLU C 338 -23.76 -10.71 -24.05
C GLU C 338 -23.48 -11.76 -25.10
N VAL C 339 -23.96 -12.98 -24.88
CA VAL C 339 -23.84 -14.07 -25.83
C VAL C 339 -25.23 -14.59 -26.11
N LYS C 340 -25.67 -14.44 -27.36
CA LYS C 340 -27.01 -14.82 -27.77
C LYS C 340 -26.90 -15.84 -28.89
N SER C 341 -27.43 -17.03 -28.65
CA SER C 341 -27.31 -18.14 -29.58
C SER C 341 -28.69 -18.67 -29.94
N GLU C 342 -28.80 -19.23 -31.14
CA GLU C 342 -30.08 -19.71 -31.62
C GLU C 342 -29.85 -20.69 -32.76
N LYS C 343 -30.40 -21.89 -32.63
CA LYS C 343 -30.36 -22.90 -33.68
C LYS C 343 -28.93 -23.33 -34.02
N LEU C 344 -28.18 -23.70 -32.99
CA LEU C 344 -26.85 -24.25 -33.17
C LEU C 344 -26.91 -25.75 -32.93
N ASP C 345 -26.30 -26.52 -33.82
CA ASP C 345 -26.20 -27.97 -33.68
C ASP C 345 -24.74 -28.33 -33.46
N PHE C 346 -24.47 -28.98 -32.34
CA PHE C 346 -23.13 -29.46 -32.00
C PHE C 346 -23.15 -30.98 -32.03
N LYS C 347 -22.29 -31.58 -32.85
CA LYS C 347 -22.22 -33.02 -32.97
C LYS C 347 -21.03 -33.64 -32.26
N ASP C 348 -20.32 -32.87 -31.44
CA ASP C 348 -19.14 -33.39 -30.76
C ASP C 348 -18.95 -32.59 -29.47
N ARG C 349 -17.86 -32.84 -28.77
CA ARG C 349 -17.62 -32.25 -27.46
C ARG C 349 -17.48 -30.73 -27.56
N VAL C 350 -18.03 -30.04 -26.58
CA VAL C 350 -18.05 -28.58 -26.55
C VAL C 350 -17.49 -28.12 -25.21
N GLN C 351 -16.53 -27.19 -25.26
CA GLN C 351 -16.03 -26.50 -24.09
C GLN C 351 -16.29 -25.01 -24.26
N SER C 352 -16.95 -24.40 -23.29
CA SER C 352 -17.35 -23.00 -23.38
C SER C 352 -17.00 -22.30 -22.07
N LYS C 353 -16.39 -21.12 -22.19
CA LYS C 353 -16.09 -20.27 -21.04
C LYS C 353 -16.55 -18.86 -21.36
N ILE C 354 -17.42 -18.31 -20.51
CA ILE C 354 -17.95 -16.96 -20.70
C ILE C 354 -17.80 -16.21 -19.39
N GLY C 355 -17.21 -15.01 -19.46
CA GLY C 355 -17.04 -14.16 -18.30
C GLY C 355 -15.57 -13.84 -18.06
N SER C 356 -15.23 -13.68 -16.78
CA SER C 356 -13.87 -13.37 -16.37
C SER C 356 -13.30 -14.59 -15.67
N LEU C 357 -12.39 -15.28 -16.36
CA LEU C 357 -11.86 -16.54 -15.87
C LEU C 357 -10.35 -16.52 -15.90
N ASP C 358 -9.74 -17.06 -14.85
CA ASP C 358 -8.33 -17.40 -14.83
C ASP C 358 -7.41 -16.19 -14.86
N ASN C 359 -7.91 -15.03 -14.45
CA ASN C 359 -7.06 -13.86 -14.36
C ASN C 359 -6.24 -13.93 -13.08
N ILE C 360 -5.01 -13.45 -13.15
CA ILE C 360 -4.04 -13.63 -12.08
C ILE C 360 -3.43 -12.30 -11.73
N THR C 361 -3.42 -11.98 -10.44
CA THR C 361 -2.57 -10.95 -9.86
C THR C 361 -1.56 -11.66 -8.98
N HIS C 362 -0.29 -11.59 -9.34
CA HIS C 362 0.77 -12.28 -8.62
C HIS C 362 1.82 -11.26 -8.23
N VAL C 363 1.95 -11.02 -6.93
CA VAL C 363 2.80 -9.95 -6.43
C VAL C 363 3.72 -10.50 -5.34
N PRO C 364 4.81 -11.18 -5.70
CA PRO C 364 5.73 -11.68 -4.68
C PRO C 364 6.69 -10.60 -4.22
N GLY C 365 7.01 -10.62 -2.93
CA GLY C 365 7.95 -9.66 -2.39
C GLY C 365 9.33 -9.80 -2.98
N GLY C 366 9.85 -11.03 -3.06
CA GLY C 366 11.04 -11.26 -3.82
C GLY C 366 10.85 -11.82 -5.22
N GLY C 367 10.22 -13.00 -5.30
CA GLY C 367 10.06 -13.68 -6.57
C GLY C 367 11.36 -14.09 -7.24
N ASN C 368 12.42 -14.32 -6.48
CA ASN C 368 13.71 -14.70 -7.04
C ASN C 368 13.80 -16.22 -7.14
N LYS C 369 14.41 -16.70 -8.22
CA LYS C 369 14.43 -18.11 -8.53
C LYS C 369 15.85 -18.57 -8.82
N LYS C 370 16.22 -19.71 -8.25
CA LYS C 370 17.49 -20.36 -8.54
C LYS C 370 17.21 -21.82 -8.91
N ILE C 371 17.63 -22.22 -10.10
CA ILE C 371 17.50 -23.59 -10.57
C ILE C 371 18.89 -24.09 -10.93
N GLU C 372 19.28 -25.23 -10.36
CA GLU C 372 20.60 -25.78 -10.65
C GLU C 372 20.51 -27.29 -10.68
N THR C 373 21.06 -27.90 -11.73
CA THR C 373 21.04 -29.34 -11.90
C THR C 373 22.46 -29.86 -11.94
N HIS C 374 22.68 -30.98 -11.26
CA HIS C 374 23.97 -31.66 -11.24
C HIS C 374 23.76 -33.09 -11.71
N LYS C 375 24.58 -33.53 -12.67
CA LYS C 375 24.43 -34.85 -13.27
C LYS C 375 25.81 -35.42 -13.52
N LEU C 376 26.10 -36.55 -12.89
CA LEU C 376 27.32 -37.32 -13.16
C LEU C 376 26.88 -38.68 -13.68
N THR C 377 27.20 -38.97 -14.95
CA THR C 377 26.84 -40.22 -15.59
C THR C 377 28.11 -41.00 -15.90
N PHE C 378 28.12 -42.27 -15.53
CA PHE C 378 29.27 -43.15 -15.70
C PHE C 378 28.82 -44.40 -16.44
N ARG C 379 29.56 -44.80 -17.46
CA ARG C 379 29.25 -46.00 -18.20
C ARG C 379 30.45 -46.94 -18.26
N SER D 305 -37.80 53.52 4.61
CA SER D 305 -37.96 52.09 4.32
C SER D 305 -36.70 51.53 3.67
N VAL D 306 -36.27 50.35 4.13
CA VAL D 306 -35.10 49.69 3.61
C VAL D 306 -35.38 48.19 3.53
N GLN D 307 -35.22 47.61 2.35
CA GLN D 307 -35.40 46.19 2.14
C GLN D 307 -34.10 45.59 1.60
N ILE D 308 -33.60 44.56 2.26
CA ILE D 308 -32.39 43.87 1.85
C ILE D 308 -32.66 42.38 1.86
N VAL D 309 -32.42 41.73 0.72
CA VAL D 309 -32.56 40.29 0.58
C VAL D 309 -31.19 39.71 0.26
N TYR D 310 -30.75 38.77 1.08
CA TYR D 310 -29.43 38.13 0.94
C TYR D 310 -29.69 36.65 0.67
N LYS D 311 -29.73 36.29 -0.61
CA LYS D 311 -30.06 34.88 -0.93
C LYS D 311 -29.01 34.31 -1.87
N PRO D 312 -27.72 34.19 -1.47
CA PRO D 312 -26.73 33.51 -2.31
C PRO D 312 -27.01 32.02 -2.36
N VAL D 313 -26.89 31.45 -3.56
CA VAL D 313 -27.12 30.03 -3.80
C VAL D 313 -25.80 29.40 -4.19
N ASP D 314 -25.41 28.34 -3.49
CA ASP D 314 -24.16 27.63 -3.75
C ASP D 314 -24.53 26.20 -4.15
N LEU D 315 -24.30 25.88 -5.41
CA LEU D 315 -24.44 24.53 -5.96
C LEU D 315 -23.11 24.05 -6.52
N SER D 316 -22.01 24.52 -5.95
CA SER D 316 -20.69 24.29 -6.50
C SER D 316 -20.16 22.92 -6.09
N LYS D 317 -18.99 22.57 -6.63
CA LYS D 317 -18.45 21.23 -6.50
C LYS D 317 -16.93 21.29 -6.50
N VAL D 318 -16.31 20.69 -5.50
CA VAL D 318 -14.86 20.52 -5.44
C VAL D 318 -14.62 19.03 -5.24
N THR D 319 -14.26 18.34 -6.32
CA THR D 319 -14.08 16.89 -6.27
C THR D 319 -12.73 16.51 -6.86
N SER D 320 -12.25 15.33 -6.47
CA SER D 320 -11.05 14.77 -7.05
C SER D 320 -11.18 13.25 -7.11
N LYS D 321 -10.60 12.66 -8.15
CA LYS D 321 -10.52 11.21 -8.33
C LYS D 321 -9.07 10.84 -8.53
N CYS D 322 -8.60 9.87 -7.76
CA CYS D 322 -7.23 9.36 -7.88
C CYS D 322 -7.29 7.85 -7.94
N GLY D 323 -6.78 7.27 -9.02
CA GLY D 323 -6.87 5.83 -9.20
C GLY D 323 -6.07 5.05 -8.17
N SER D 324 -4.85 5.50 -7.90
CA SER D 324 -4.03 4.95 -6.84
C SER D 324 -3.09 6.05 -6.39
N LEU D 325 -2.69 6.00 -5.13
CA LEU D 325 -1.80 7.03 -4.61
C LEU D 325 -0.89 6.37 -3.59
N GLY D 326 0.41 6.38 -3.82
CA GLY D 326 1.31 5.87 -2.81
C GLY D 326 2.72 5.69 -3.31
N ASN D 327 3.48 4.87 -2.57
CA ASN D 327 4.91 4.72 -2.79
C ASN D 327 5.63 6.06 -2.61
N ILE D 328 5.39 6.65 -1.44
CA ILE D 328 5.96 7.94 -1.06
C ILE D 328 7.06 7.68 -0.03
N HIS D 329 8.24 8.24 -0.28
CA HIS D 329 9.39 8.04 0.59
C HIS D 329 9.98 9.38 0.96
N HIS D 330 10.00 9.69 2.26
CA HIS D 330 10.56 10.92 2.79
C HIS D 330 11.61 10.57 3.83
N LYS D 331 12.88 10.81 3.52
CA LYS D 331 14.01 10.54 4.41
C LYS D 331 14.84 11.78 4.63
N PRO D 332 14.44 12.64 5.56
CA PRO D 332 15.28 13.77 5.95
C PRO D 332 16.32 13.41 7.00
N GLY D 333 17.47 14.06 6.89
CA GLY D 333 18.50 13.91 7.89
C GLY D 333 19.18 12.56 7.95
N GLY D 334 19.50 11.96 6.80
CA GLY D 334 20.28 10.76 6.77
C GLY D 334 21.76 10.97 6.94
N GLY D 335 22.22 12.21 6.75
CA GLY D 335 23.62 12.51 6.93
C GLY D 335 24.01 12.64 8.39
N GLN D 336 25.29 12.40 8.65
CA GLN D 336 25.85 12.57 9.97
C GLN D 336 25.90 14.04 10.35
N VAL D 337 25.58 14.33 11.61
CA VAL D 337 25.64 15.68 12.14
C VAL D 337 26.59 15.69 13.32
N GLU D 338 27.57 16.58 13.29
CA GLU D 338 28.50 16.78 14.39
C GLU D 338 28.56 18.25 14.73
N VAL D 339 28.31 18.58 15.99
CA VAL D 339 28.38 19.96 16.47
C VAL D 339 29.36 19.97 17.64
N LYS D 340 30.48 20.67 17.47
CA LYS D 340 31.54 20.71 18.46
C LYS D 340 31.75 22.16 18.87
N SER D 341 31.55 22.46 20.14
CA SER D 341 31.61 23.82 20.64
C SER D 341 32.61 23.89 21.78
N GLU D 342 33.21 25.07 21.95
CA GLU D 342 34.22 25.25 22.97
C GLU D 342 34.39 26.73 23.25
N LYS D 343 34.25 27.12 24.52
CA LYS D 343 34.49 28.48 24.98
C LYS D 343 33.53 29.48 24.33
N LEU D 344 32.25 29.18 24.41
CA LEU D 344 31.21 30.08 23.96
C LEU D 344 30.54 30.72 25.18
N ASP D 345 30.38 32.04 25.14
CA ASP D 345 29.70 32.77 26.19
C ASP D 345 28.40 33.33 25.62
N PHE D 346 27.29 32.93 26.23
CA PHE D 346 25.95 33.42 25.86
C PHE D 346 25.43 34.29 26.99
N LYS D 347 25.10 35.54 26.69
CA LYS D 347 24.60 36.46 27.69
C LYS D 347 23.09 36.68 27.60
N ASP D 348 22.37 35.89 26.81
CA ASP D 348 20.94 36.09 26.66
C ASP D 348 20.33 34.74 26.28
N ARG D 349 19.03 34.74 26.00
CA ARG D 349 18.29 33.51 25.74
C ARG D 349 18.81 32.79 24.50
N VAL D 350 18.87 31.46 24.58
CA VAL D 350 19.40 30.62 23.52
C VAL D 350 18.37 29.56 23.18
N GLN D 351 18.06 29.42 21.89
CA GLN D 351 17.24 28.33 21.37
C GLN D 351 18.09 27.54 20.38
N SER D 352 18.19 26.24 20.59
CA SER D 352 19.04 25.38 19.78
C SER D 352 18.26 24.14 19.38
N LYS D 353 18.34 23.78 18.10
CA LYS D 353 17.75 22.54 17.59
C LYS D 353 18.79 21.83 16.74
N ILE D 354 19.09 20.59 17.08
CA ILE D 354 20.07 19.79 16.36
C ILE D 354 19.45 18.43 16.05
N GLY D 355 19.52 18.03 14.78
CA GLY D 355 19.01 16.74 14.35
C GLY D 355 17.96 16.89 13.28
N SER D 356 17.00 15.97 13.28
CA SER D 356 15.90 15.96 12.33
C SER D 356 14.62 16.33 13.06
N LEU D 357 14.14 17.54 12.83
CA LEU D 357 13.02 18.07 13.58
C LEU D 357 11.96 18.61 12.62
N ASP D 358 10.70 18.34 12.93
CA ASP D 358 9.56 19.01 12.32
C ASP D 358 9.39 18.68 10.85
N ASN D 359 9.92 17.56 10.40
CA ASN D 359 9.70 17.13 9.04
C ASN D 359 8.31 16.49 8.93
N ILE D 360 7.66 16.72 7.80
CA ILE D 360 6.27 16.36 7.62
C ILE D 360 6.12 15.55 6.34
N THR D 361 5.45 14.42 6.45
CA THR D 361 4.88 13.71 5.31
C THR D 361 3.37 13.79 5.45
N HIS D 362 2.72 14.48 4.52
CA HIS D 362 1.28 14.70 4.58
C HIS D 362 0.67 14.19 3.27
N VAL D 363 -0.11 13.13 3.36
CA VAL D 363 -0.62 12.47 2.17
C VAL D 363 -2.13 12.28 2.30
N PRO D 364 -2.94 13.31 2.04
CA PRO D 364 -4.39 13.15 2.11
C PRO D 364 -4.94 12.54 0.84
N GLY D 365 -5.96 11.69 1.01
CA GLY D 365 -6.60 11.08 -0.14
C GLY D 365 -7.26 12.10 -1.05
N GLY D 366 -8.04 13.01 -0.47
CA GLY D 366 -8.51 14.14 -1.23
C GLY D 366 -7.73 15.43 -1.07
N GLY D 367 -7.68 15.93 0.17
CA GLY D 367 -7.04 17.21 0.44
C GLY D 367 -7.70 18.40 -0.23
N ASN D 368 -9.00 18.33 -0.51
CA ASN D 368 -9.71 19.42 -1.16
C ASN D 368 -10.27 20.37 -0.11
N LYS D 369 -10.23 21.66 -0.42
CA LYS D 369 -10.58 22.70 0.55
C LYS D 369 -11.58 23.67 -0.06
N LYS D 370 -12.60 24.01 0.70
CA LYS D 370 -13.56 25.04 0.33
C LYS D 370 -13.68 26.01 1.49
N ILE D 371 -13.40 27.29 1.22
CA ILE D 371 -13.53 28.36 2.20
C ILE D 371 -14.48 29.40 1.63
N GLU D 372 -15.51 29.75 2.37
CA GLU D 372 -16.47 30.73 1.91
C GLU D 372 -16.95 31.57 3.07
N THR D 373 -16.93 32.89 2.91
CA THR D 373 -17.34 33.82 3.95
C THR D 373 -18.52 34.63 3.45
N HIS D 374 -19.50 34.82 4.34
CA HIS D 374 -20.67 35.65 4.05
C HIS D 374 -20.76 36.72 5.11
N LYS D 375 -20.92 37.97 4.68
CA LYS D 375 -20.94 39.10 5.60
C LYS D 375 -21.97 40.09 5.12
N LEU D 376 -22.97 40.36 5.94
CA LEU D 376 -23.95 41.43 5.69
C LEU D 376 -23.84 42.42 6.84
N THR D 377 -23.40 43.64 6.52
CA THR D 377 -23.22 44.70 7.50
C THR D 377 -24.22 45.81 7.23
N PHE D 378 -24.92 46.24 8.27
CA PHE D 378 -25.95 47.27 8.16
C PHE D 378 -25.64 48.35 9.17
N ARG D 379 -25.70 49.61 8.74
CA ARG D 379 -25.47 50.73 9.64
C ARG D 379 -26.63 51.72 9.58
N SER E 305 36.57 -53.88 -8.14
CA SER E 305 36.40 -52.94 -7.04
C SER E 305 35.75 -51.64 -7.51
N VAL E 306 34.78 -51.15 -6.73
CA VAL E 306 34.06 -49.93 -7.05
C VAL E 306 33.85 -49.16 -5.76
N GLN E 307 34.28 -47.90 -5.73
CA GLN E 307 34.09 -47.03 -4.58
C GLN E 307 33.32 -45.79 -5.03
N ILE E 308 32.22 -45.50 -4.35
CA ILE E 308 31.41 -44.33 -4.64
C ILE E 308 31.11 -43.60 -3.34
N VAL E 309 31.45 -42.33 -3.29
CA VAL E 309 31.18 -41.47 -2.13
C VAL E 309 30.24 -40.37 -2.58
N TYR E 310 29.10 -40.27 -1.90
CA TYR E 310 28.07 -39.28 -2.22
C TYR E 310 27.94 -38.36 -1.00
N LYS E 311 28.66 -37.25 -1.04
CA LYS E 311 28.64 -36.36 0.13
C LYS E 311 28.33 -34.94 -0.30
N PRO E 312 27.12 -34.64 -0.83
CA PRO E 312 26.74 -33.25 -1.13
C PRO E 312 26.48 -32.51 0.17
N VAL E 313 26.97 -31.27 0.22
CA VAL E 313 26.83 -30.40 1.37
C VAL E 313 25.93 -29.23 0.98
N ASP E 314 24.88 -29.00 1.75
CA ASP E 314 23.94 -27.91 1.50
C ASP E 314 24.00 -26.98 2.70
N LEU E 315 24.54 -25.78 2.48
CA LEU E 315 24.55 -24.69 3.45
C LEU E 315 23.81 -23.47 2.88
N SER E 316 22.82 -23.71 2.04
CA SER E 316 22.16 -22.66 1.30
C SER E 316 21.08 -21.98 2.15
N LYS E 317 20.49 -20.94 1.58
CA LYS E 317 19.61 -20.06 2.33
C LYS E 317 18.55 -19.49 1.38
N VAL E 318 17.28 -19.64 1.75
CA VAL E 318 16.17 -19.00 1.05
C VAL E 318 15.41 -18.22 2.10
N THR E 319 15.60 -16.90 2.14
CA THR E 319 14.98 -16.06 3.16
C THR E 319 14.29 -14.88 2.50
N SER E 320 13.33 -14.32 3.23
CA SER E 320 12.66 -13.09 2.80
C SER E 320 12.31 -12.26 4.02
N LYS E 321 12.37 -10.95 3.85
CA LYS E 321 11.96 -9.99 4.87
C LYS E 321 10.94 -9.04 4.27
N CYS E 322 9.80 -8.88 4.93
CA CYS E 322 8.77 -7.96 4.49
C CYS E 322 8.36 -7.10 5.67
N GLY E 323 8.49 -5.78 5.52
CA GLY E 323 8.20 -4.89 6.64
C GLY E 323 6.75 -4.88 7.03
N SER E 324 5.86 -4.84 6.05
CA SER E 324 4.43 -4.98 6.27
C SER E 324 3.84 -5.55 5.00
N LEU E 325 2.74 -6.28 5.13
CA LEU E 325 2.11 -6.87 3.96
C LEU E 325 0.61 -6.89 4.20
N GLY E 326 -0.15 -6.20 3.36
CA GLY E 326 -1.58 -6.29 3.50
C GLY E 326 -2.32 -5.27 2.69
N ASN E 327 -3.58 -5.04 3.06
CA ASN E 327 -4.51 -4.22 2.28
C ASN E 327 -4.70 -4.82 0.89
N ILE E 328 -5.08 -6.10 0.88
CA ILE E 328 -5.31 -6.87 -0.34
C ILE E 328 -6.82 -7.02 -0.51
N HIS E 329 -7.31 -6.69 -1.69
CA HIS E 329 -8.75 -6.74 -1.99
C HIS E 329 -8.96 -7.53 -3.26
N HIS E 330 -9.70 -8.63 -3.16
CA HIS E 330 -10.03 -9.49 -4.29
C HIS E 330 -11.55 -9.63 -4.36
N LYS E 331 -12.17 -9.03 -5.38
CA LYS E 331 -13.62 -9.08 -5.59
C LYS E 331 -13.94 -9.60 -6.97
N PRO E 332 -13.98 -10.92 -7.15
CA PRO E 332 -14.45 -11.49 -8.41
C PRO E 332 -15.96 -11.63 -8.45
N GLY E 333 -16.50 -11.47 -9.65
CA GLY E 333 -17.91 -11.69 -9.88
C GLY E 333 -18.86 -10.71 -9.22
N GLY E 334 -18.53 -9.42 -9.26
CA GLY E 334 -19.47 -8.42 -8.80
C GLY E 334 -20.54 -8.06 -9.79
N GLY E 335 -20.36 -8.43 -11.06
CA GLY E 335 -21.36 -8.17 -12.06
C GLY E 335 -22.52 -9.14 -12.00
N GLN E 336 -23.65 -8.69 -12.50
CA GLN E 336 -24.84 -9.52 -12.61
C GLN E 336 -24.64 -10.60 -13.66
N VAL E 337 -25.12 -11.81 -13.36
CA VAL E 337 -25.06 -12.92 -14.29
C VAL E 337 -26.48 -13.41 -14.53
N GLU E 338 -26.87 -13.48 -15.80
CA GLU E 338 -28.16 -14.03 -16.20
C GLU E 338 -27.94 -15.06 -17.28
N VAL E 339 -28.45 -16.27 -17.06
CA VAL E 339 -28.37 -17.36 -18.02
C VAL E 339 -29.79 -17.83 -18.29
N LYS E 340 -30.26 -17.64 -19.52
CA LYS E 340 -31.62 -17.97 -19.92
C LYS E 340 -31.56 -18.98 -21.05
N SER E 341 -32.12 -20.16 -20.82
CA SER E 341 -32.04 -21.27 -21.76
C SER E 341 -33.45 -21.73 -22.10
N GLU E 342 -33.60 -22.27 -23.31
CA GLU E 342 -34.91 -22.71 -23.77
C GLU E 342 -34.72 -23.67 -24.92
N LYS E 343 -35.31 -24.86 -24.80
CA LYS E 343 -35.34 -25.86 -25.87
C LYS E 343 -33.92 -26.33 -26.24
N LEU E 344 -33.16 -26.73 -25.24
CA LEU E 344 -31.86 -27.33 -25.45
C LEU E 344 -31.96 -28.83 -25.23
N ASP E 345 -31.39 -29.59 -26.14
CA ASP E 345 -31.34 -31.05 -26.03
C ASP E 345 -29.89 -31.46 -25.84
N PHE E 346 -29.60 -32.13 -24.73
CA PHE E 346 -28.29 -32.67 -24.42
C PHE E 346 -28.36 -34.18 -24.48
N LYS E 347 -27.53 -34.79 -25.33
CA LYS E 347 -27.51 -36.24 -25.47
C LYS E 347 -26.32 -36.91 -24.79
N ASP E 348 -25.57 -36.17 -23.98
CA ASP E 348 -24.40 -36.73 -23.32
C ASP E 348 -24.16 -35.96 -22.03
N ARG E 349 -23.06 -36.26 -21.35
CA ARG E 349 -22.78 -35.69 -20.04
C ARG E 349 -22.58 -34.18 -20.12
N VAL E 350 -23.10 -33.48 -19.11
CA VAL E 350 -23.07 -32.03 -19.06
C VAL E 350 -22.47 -31.60 -17.73
N GLN E 351 -21.49 -30.70 -17.78
CA GLN E 351 -20.94 -30.04 -16.61
C GLN E 351 -21.15 -28.55 -16.76
N SER E 352 -21.77 -27.94 -15.77
CA SER E 352 -22.13 -26.52 -15.83
C SER E 352 -21.74 -25.85 -14.52
N LYS E 353 -21.09 -24.69 -14.63
CA LYS E 353 -20.75 -23.87 -13.48
C LYS E 353 -21.17 -22.43 -13.76
N ILE E 354 -22.00 -21.88 -12.90
CA ILE E 354 -22.48 -20.51 -13.06
C ILE E 354 -22.29 -19.76 -11.73
N GLY E 355 -21.67 -18.60 -11.80
CA GLY E 355 -21.44 -17.77 -10.63
C GLY E 355 -19.97 -17.50 -10.42
N SER E 356 -19.60 -17.36 -9.15
CA SER E 356 -18.22 -17.11 -8.75
C SER E 356 -17.66 -18.36 -8.09
N LEU E 357 -16.80 -19.06 -8.80
CA LEU E 357 -16.30 -20.34 -8.34
C LEU E 357 -14.79 -20.37 -8.40
N ASP E 358 -14.17 -20.94 -7.36
CA ASP E 358 -12.77 -21.33 -7.38
C ASP E 358 -11.82 -20.15 -7.41
N ASN E 359 -12.27 -18.99 -6.98
CA ASN E 359 -11.39 -17.85 -6.88
C ASN E 359 -10.56 -17.96 -5.61
N ILE E 360 -9.31 -17.52 -5.71
CA ILE E 360 -8.32 -17.75 -4.66
C ILE E 360 -7.66 -16.43 -4.30
N THR E 361 -7.62 -16.13 -3.01
CA THR E 361 -6.73 -15.15 -2.44
C THR E 361 -5.72 -15.90 -1.58
N HIS E 362 -4.46 -15.86 -1.97
CA HIS E 362 -3.41 -16.60 -1.28
C HIS E 362 -2.32 -15.61 -0.89
N VAL E 363 -2.16 -15.40 0.41
CA VAL E 363 -1.26 -14.37 0.90
C VAL E 363 -0.33 -14.96 1.97
N PRO E 364 0.72 -15.67 1.57
CA PRO E 364 1.65 -16.21 2.57
C PRO E 364 2.66 -15.16 3.03
N GLY E 365 2.98 -15.22 4.31
CA GLY E 365 3.97 -14.30 4.85
C GLY E 365 5.34 -14.47 4.22
N GLY E 366 5.81 -15.71 4.13
CA GLY E 366 6.99 -15.97 3.33
C GLY E 366 6.75 -16.51 1.94
N GLY E 367 6.08 -17.66 1.85
CA GLY E 367 5.88 -18.31 0.57
C GLY E 367 7.15 -18.75 -0.13
N ASN E 368 8.22 -19.03 0.61
CA ASN E 368 9.47 -19.44 0.01
C ASN E 368 9.52 -20.96 -0.11
N LYS E 369 10.09 -21.44 -1.21
CA LYS E 369 10.07 -22.86 -1.53
C LYS E 369 11.46 -23.36 -1.86
N LYS E 370 11.81 -24.51 -1.31
CA LYS E 370 13.05 -25.21 -1.64
C LYS E 370 12.71 -26.64 -2.01
N ILE E 371 13.10 -27.04 -3.22
CA ILE E 371 12.92 -28.40 -3.71
C ILE E 371 14.28 -28.94 -4.11
N GLU E 372 14.65 -30.09 -3.56
CA GLU E 372 15.94 -30.69 -3.88
C GLU E 372 15.81 -32.20 -3.93
N THR E 373 16.32 -32.80 -5.00
CA THR E 373 16.24 -34.24 -5.20
C THR E 373 17.65 -34.81 -5.27
N HIS E 374 17.85 -35.94 -4.60
CA HIS E 374 19.12 -36.66 -4.62
C HIS E 374 18.85 -38.07 -5.11
N LYS E 375 19.63 -38.52 -6.08
CA LYS E 375 19.43 -39.82 -6.69
C LYS E 375 20.78 -40.44 -6.99
N LEU E 376 21.06 -41.59 -6.38
CA LEU E 376 22.24 -42.39 -6.70
C LEU E 376 21.75 -43.73 -7.22
N THR E 377 22.04 -44.01 -8.49
CA THR E 377 21.62 -45.23 -9.15
C THR E 377 22.86 -46.06 -9.49
N PHE E 378 22.84 -47.34 -9.13
CA PHE E 378 23.96 -48.24 -9.35
C PHE E 378 23.45 -49.46 -10.08
N ARG E 379 24.17 -49.87 -11.13
CA ARG E 379 23.79 -51.06 -11.89
C ARG E 379 24.96 -52.03 -11.98
N SER F 305 -39.61 50.15 13.69
CA SER F 305 -39.83 48.75 13.37
C SER F 305 -38.60 48.15 12.69
N VAL F 306 -38.20 46.95 13.13
CA VAL F 306 -37.04 46.25 12.58
C VAL F 306 -37.40 44.78 12.48
N GLN F 307 -37.26 44.20 11.28
CA GLN F 307 -37.49 42.79 11.06
C GLN F 307 -36.24 42.16 10.48
N ILE F 308 -35.75 41.10 11.12
CA ILE F 308 -34.57 40.38 10.68
C ILE F 308 -34.89 38.90 10.67
N VAL F 309 -34.68 38.27 9.52
CA VAL F 309 -34.88 36.84 9.36
C VAL F 309 -33.53 36.22 9.00
N TYR F 310 -33.10 35.25 9.79
CA TYR F 310 -31.82 34.57 9.62
C TYR F 310 -32.12 33.11 9.33
N LYS F 311 -32.20 32.77 8.04
CA LYS F 311 -32.58 31.38 7.71
C LYS F 311 -31.55 30.79 6.74
N PRO F 312 -30.28 30.61 7.11
CA PRO F 312 -29.32 29.93 6.24
C PRO F 312 -29.65 28.44 6.18
N VAL F 313 -29.57 27.89 4.97
CA VAL F 313 -29.84 26.48 4.71
C VAL F 313 -28.55 25.82 4.29
N ASP F 314 -28.18 24.74 4.97
CA ASP F 314 -26.97 23.98 4.68
C ASP F 314 -27.40 22.58 4.26
N LEU F 315 -27.19 22.27 2.98
CA LEU F 315 -27.38 20.93 2.42
C LEU F 315 -26.08 20.43 1.81
N SER F 316 -24.96 20.85 2.39
CA SER F 316 -23.65 20.58 1.81
C SER F 316 -23.15 19.18 2.18
N LYS F 317 -22.01 18.81 1.62
CA LYS F 317 -21.51 17.46 1.72
C LYS F 317 -19.99 17.47 1.68
N VAL F 318 -19.37 16.83 2.67
CA VAL F 318 -17.93 16.62 2.69
C VAL F 318 -17.73 15.12 2.86
N THR F 319 -17.41 14.43 1.78
CA THR F 319 -17.27 12.98 1.79
C THR F 319 -15.96 12.56 1.17
N SER F 320 -15.51 11.36 1.52
CA SER F 320 -14.33 10.77 0.92
C SER F 320 -14.51 9.26 0.84
N LYS F 321 -13.97 8.67 -0.22
CA LYS F 321 -13.94 7.22 -0.41
C LYS F 321 -12.50 6.80 -0.66
N CYS F 322 -12.05 5.80 0.09
CA CYS F 322 -10.70 5.27 -0.07
C CYS F 322 -10.81 3.76 -0.14
N GLY F 323 -10.34 3.18 -1.24
CA GLY F 323 -10.48 1.74 -1.44
C GLY F 323 -9.68 0.92 -0.44
N SER F 324 -8.44 1.32 -0.19
CA SER F 324 -7.63 0.74 0.85
C SER F 324 -6.65 1.80 1.29
N LEU F 325 -6.22 1.72 2.55
CA LEU F 325 -5.29 2.70 3.06
C LEU F 325 -4.38 2.01 4.06
N GLY F 326 -3.08 1.98 3.80
CA GLY F 326 -2.19 1.42 4.79
C GLY F 326 -0.79 1.21 4.26
N ASN F 327 -0.05 0.35 4.97
CA ASN F 327 1.38 0.16 4.72
C ASN F 327 2.14 1.47 4.91
N ILE F 328 1.94 2.06 6.09
CA ILE F 328 2.55 3.31 6.49
C ILE F 328 3.66 3.01 7.48
N HIS F 329 4.86 3.54 7.23
CA HIS F 329 6.03 3.27 8.06
C HIS F 329 6.67 4.60 8.45
N HIS F 330 6.71 4.88 9.74
CA HIS F 330 7.33 6.09 10.29
C HIS F 330 8.38 5.69 11.30
N LYS F 331 9.65 5.90 10.97
CA LYS F 331 10.79 5.57 11.84
C LYS F 331 11.66 6.79 12.06
N PRO F 332 11.31 7.64 13.01
CA PRO F 332 12.19 8.74 13.39
C PRO F 332 13.23 8.32 14.41
N GLY F 333 14.40 8.94 14.31
CA GLY F 333 15.45 8.74 15.28
C GLY F 333 16.08 7.36 15.31
N GLY F 334 16.35 6.79 14.13
CA GLY F 334 17.11 5.55 14.09
C GLY F 334 18.60 5.73 14.22
N GLY F 335 19.09 6.95 14.05
CA GLY F 335 20.50 7.20 14.20
C GLY F 335 20.92 7.30 15.65
N GLN F 336 22.20 7.01 15.88
CA GLN F 336 22.80 7.14 17.20
C GLN F 336 22.90 8.60 17.60
N VAL F 337 22.60 8.89 18.87
CA VAL F 337 22.72 10.22 19.42
C VAL F 337 23.69 10.18 20.59
N GLU F 338 24.71 11.04 20.54
CA GLU F 338 25.66 11.19 21.64
C GLU F 338 25.77 12.66 21.99
N VAL F 339 25.55 12.98 23.25
CA VAL F 339 25.68 14.34 23.77
C VAL F 339 26.67 14.30 24.92
N LYS F 340 27.81 14.96 24.73
CA LYS F 340 28.89 14.97 25.71
C LYS F 340 29.17 16.40 26.12
N SER F 341 28.99 16.68 27.41
CA SER F 341 29.10 18.03 27.94
C SER F 341 30.12 18.06 29.06
N GLU F 342 30.76 19.21 29.23
CA GLU F 342 31.80 19.34 30.24
C GLU F 342 32.01 20.81 30.53
N LYS F 343 31.92 21.17 31.81
CA LYS F 343 32.21 22.53 32.28
C LYS F 343 31.28 23.57 31.67
N LEU F 344 29.98 23.30 31.77
CA LEU F 344 28.96 24.25 31.36
C LEU F 344 28.34 24.88 32.59
N ASP F 345 28.22 26.20 32.57
CA ASP F 345 27.57 26.95 33.65
C ASP F 345 26.28 27.54 33.12
N PHE F 346 25.17 27.18 33.74
CA PHE F 346 23.86 27.72 33.40
C PHE F 346 23.38 28.58 34.56
N LYS F 347 23.08 29.85 34.29
CA LYS F 347 22.62 30.77 35.31
C LYS F 347 21.12 31.05 35.26
N ASP F 348 20.37 30.29 34.46
CA ASP F 348 18.94 30.53 34.34
C ASP F 348 18.28 29.20 33.96
N ARG F 349 16.97 29.25 33.68
CA ARG F 349 16.20 28.05 33.44
C ARG F 349 16.66 27.33 32.17
N VAL F 350 16.68 26.00 32.24
CA VAL F 350 17.17 25.17 31.15
C VAL F 350 16.09 24.14 30.81
N GLN F 351 15.77 24.03 29.52
CA GLN F 351 14.90 22.98 29.01
C GLN F 351 15.70 22.19 27.99
N SER F 352 15.77 20.88 28.18
CA SER F 352 16.57 20.00 27.33
C SER F 352 15.76 18.78 26.93
N LYS F 353 15.79 18.45 25.64
CA LYS F 353 15.15 17.24 25.12
C LYS F 353 16.15 16.51 24.25
N ILE F 354 16.42 15.25 24.56
CA ILE F 354 17.36 14.43 23.81
C ILE F 354 16.70 13.10 23.49
N GLY F 355 16.73 12.71 22.21
CA GLY F 355 16.17 11.46 21.77
C GLY F 355 15.10 11.66 20.72
N SER F 356 14.12 10.77 20.74
CA SER F 356 13.00 10.81 19.79
C SER F 356 11.74 11.20 20.57
N LEU F 357 11.30 12.43 20.37
CA LEU F 357 10.20 12.98 21.14
C LEU F 357 9.16 13.57 20.21
N ASP F 358 7.89 13.33 20.54
CA ASP F 358 6.77 14.05 19.97
C ASP F 358 6.54 13.76 18.49
N ASN F 359 7.03 12.62 18.02
CA ASN F 359 6.77 12.22 16.65
C ASN F 359 5.37 11.63 16.55
N ILE F 360 4.71 11.89 15.44
CA ILE F 360 3.30 11.58 15.29
C ILE F 360 3.09 10.80 13.99
N THR F 361 2.39 9.69 14.10
CA THR F 361 1.78 9.02 12.95
C THR F 361 0.27 9.15 13.13
N HIS F 362 -0.36 9.86 12.22
CA HIS F 362 -1.80 10.13 12.30
C HIS F 362 -2.44 9.67 11.01
N VAL F 363 -3.25 8.63 11.09
CA VAL F 363 -3.82 8.00 9.91
C VAL F 363 -5.33 7.86 10.05
N PRO F 364 -6.09 8.92 9.83
CA PRO F 364 -7.56 8.80 9.93
C PRO F 364 -8.15 8.22 8.65
N GLY F 365 -9.19 7.40 8.84
CA GLY F 365 -9.87 6.84 7.69
C GLY F 365 -10.52 7.88 6.81
N GLY F 366 -11.25 8.82 7.41
CA GLY F 366 -11.71 9.98 6.67
C GLY F 366 -10.88 11.23 6.85
N GLY F 367 -10.79 11.71 8.10
CA GLY F 367 -10.12 12.96 8.37
C GLY F 367 -10.75 14.18 7.73
N ASN F 368 -12.05 14.16 7.48
CA ASN F 368 -12.73 15.28 6.86
C ASN F 368 -13.26 16.24 7.93
N LYS F 369 -13.17 17.53 7.64
CA LYS F 369 -13.47 18.55 8.63
C LYS F 369 -14.44 19.58 8.05
N LYS F 370 -15.44 19.93 8.84
CA LYS F 370 -16.37 21.00 8.51
C LYS F 370 -16.44 21.96 9.69
N ILE F 371 -16.12 23.22 9.43
CA ILE F 371 -16.21 24.29 10.42
C ILE F 371 -17.13 25.37 9.89
N GLU F 372 -18.14 25.73 10.66
CA GLU F 372 -19.07 26.76 10.23
C GLU F 372 -19.51 27.58 11.42
N THR F 373 -19.45 28.90 11.27
CA THR F 373 -19.80 29.83 12.33
C THR F 373 -20.97 30.70 11.88
N HIS F 374 -21.93 30.90 12.77
CA HIS F 374 -23.08 31.76 12.52
C HIS F 374 -23.12 32.82 13.61
N LYS F 375 -23.24 34.08 13.20
CA LYS F 375 -23.21 35.20 14.14
C LYS F 375 -24.22 36.24 13.68
N LEU F 376 -25.19 36.52 14.53
CA LEU F 376 -26.14 37.62 14.32
C LEU F 376 -25.97 38.59 15.47
N THR F 377 -25.51 39.80 15.17
CA THR F 377 -25.27 40.83 16.16
C THR F 377 -26.24 41.98 15.92
N PHE F 378 -26.91 42.42 16.99
CA PHE F 378 -27.90 43.48 16.92
C PHE F 378 -27.55 44.53 17.94
N ARG F 379 -27.57 45.80 17.53
CA ARG F 379 -27.29 46.90 18.44
C ARG F 379 -28.42 47.92 18.42
#